data_8XCU
#
_entry.id   8XCU
#
_cell.length_a   1.00
_cell.length_b   1.00
_cell.length_c   1.00
_cell.angle_alpha   90.00
_cell.angle_beta   90.00
_cell.angle_gamma   90.00
#
_symmetry.space_group_name_H-M   'P 1'
#
loop_
_entity.id
_entity.type
_entity.pdbx_description
1 polymer 'Glutamate dehydrogenase'
2 non-polymer 'NADPH DIHYDRO-NICOTINAMIDE-ADENINE-DINUCLEOTIDE PHOSPHATE'
3 non-polymer '2-OXOGLUTARIC ACID'
4 non-polymer 'GAMMA-L-GLUTAMIC ACID'
5 water water
#
_entity_poly.entity_id   1
_entity_poly.type   'polypeptide(L)'
_entity_poly.pdbx_seq_one_letter_code
;MVEIDPFEMAVKQLERAAQYMDISEEALEWLKKPMRIVEVSVPIEMDDGSVKVFTGFRVQHNWARGPTKGGIRWHPAETL
STVKALATWMTWKVAVVDLPYGGGKGGIIVNPKELSEREQERLARAYIRAVYDVIGPWTDIPAPDVYTNPKIMGWMMDEY
ETIMRRKGPAFGVITGKPLSIGGSLGRGTATAQGAIFTIREAAKALGIDLKGKKIAVQGYGNAGYYTAKLAKEQLGMTVV
AVSDSRGGIYNPDGLDPDEVLKWKREHGSVKDFPGATNITNEELLELEVDVLAPAAIEEVITEKNADNIKAKIVAEVANG
PVTPEADDILREKGILQIPDFLCNAGGVTVSYFEWVQNINGYYWTEEEVREKLDKKMTKAFWEVYNTHKDKNIHMRDAAY
VVAVSRVYQAMKDRGWVKK
;
_entity_poly.pdbx_strand_id   A
#
loop_
_chem_comp.id
_chem_comp.type
_chem_comp.name
_chem_comp.formula
AKG non-polymer '2-OXOGLUTARIC ACID' 'C5 H6 O5'
GGL L-gamma-peptide, C-delta linking 'GAMMA-L-GLUTAMIC ACID' 'C5 H9 N O4'
NDP non-polymer 'NADPH DIHYDRO-NICOTINAMIDE-ADENINE-DINUCLEOTIDE PHOSPHATE' 'C21 H30 N7 O17 P3'
#
# COMPACT_ATOMS: atom_id res chain seq x y z
N GLU A 3 -11.35 -4.47 -22.04
CA GLU A 3 -11.28 -3.22 -21.28
C GLU A 3 -10.09 -3.23 -20.33
N ILE A 4 -8.93 -3.59 -20.86
CA ILE A 4 -7.68 -3.64 -20.08
C ILE A 4 -7.79 -4.46 -18.79
N ASP A 5 -7.90 -5.78 -18.94
CA ASP A 5 -7.99 -6.68 -17.79
C ASP A 5 -6.84 -6.43 -16.81
N PRO A 6 -7.14 -6.38 -15.52
CA PRO A 6 -6.12 -6.14 -14.47
C PRO A 6 -4.94 -7.09 -14.54
N PHE A 7 -5.19 -8.38 -14.76
CA PHE A 7 -4.08 -9.33 -14.84
C PHE A 7 -3.25 -9.11 -16.10
N GLU A 8 -3.91 -8.76 -17.21
CA GLU A 8 -3.18 -8.41 -18.42
C GLU A 8 -2.27 -7.21 -18.19
N MET A 9 -2.79 -6.22 -17.48
CA MET A 9 -2.02 -5.02 -17.17
C MET A 9 -0.81 -5.37 -16.30
N ALA A 10 -1.03 -6.21 -15.29
CA ALA A 10 0.06 -6.63 -14.41
C ALA A 10 1.13 -7.40 -15.18
N VAL A 11 0.72 -8.30 -16.06
CA VAL A 11 1.69 -9.06 -16.86
C VAL A 11 2.46 -8.14 -17.78
N LYS A 12 1.78 -7.15 -18.37
CA LYS A 12 2.46 -6.20 -19.24
C LYS A 12 3.49 -5.38 -18.46
N GLN A 13 3.13 -5.00 -17.23
CA GLN A 13 4.03 -4.26 -16.36
C GLN A 13 5.26 -5.10 -16.05
N LEU A 14 5.05 -6.36 -15.73
CA LEU A 14 6.14 -7.28 -15.42
C LEU A 14 7.07 -7.46 -16.61
N GLU A 15 6.50 -7.61 -17.81
CA GLU A 15 7.33 -7.75 -19.01
C GLU A 15 8.12 -6.48 -19.29
N ARG A 16 7.52 -5.33 -19.04
CA ARG A 16 8.20 -4.05 -19.22
C ARG A 16 9.39 -4.00 -18.27
N ALA A 17 9.15 -4.37 -17.02
CA ALA A 17 10.22 -4.37 -16.02
C ALA A 17 11.34 -5.33 -16.41
N ALA A 18 10.99 -6.52 -16.90
CA ALA A 18 11.97 -7.49 -17.35
C ALA A 18 12.77 -7.00 -18.55
N GLN A 19 12.21 -6.06 -19.31
CA GLN A 19 12.92 -5.52 -20.48
C GLN A 19 14.11 -4.65 -20.07
N TYR A 20 14.15 -4.22 -18.81
CA TYR A 20 15.22 -3.38 -18.31
C TYR A 20 16.23 -4.13 -17.45
N MET A 21 16.13 -5.46 -17.39
CA MET A 21 17.02 -6.24 -16.55
C MET A 21 17.29 -7.59 -17.19
N ASP A 22 18.35 -8.24 -16.75
CA ASP A 22 18.76 -9.54 -17.28
C ASP A 22 18.03 -10.64 -16.49
N ILE A 23 16.99 -11.20 -17.08
CA ILE A 23 16.21 -12.27 -16.46
C ILE A 23 15.95 -13.34 -17.51
N SER A 24 16.02 -14.60 -17.09
CA SER A 24 15.82 -15.71 -18.01
C SER A 24 14.34 -15.81 -18.41
N GLU A 25 14.11 -16.48 -19.55
CA GLU A 25 12.73 -16.64 -20.04
C GLU A 25 11.93 -17.53 -19.11
N GLU A 26 12.54 -18.60 -18.57
CA GLU A 26 11.82 -19.48 -17.68
C GLU A 26 11.41 -18.78 -16.39
N ALA A 27 12.26 -17.93 -15.84
CA ALA A 27 11.90 -17.16 -14.67
C ALA A 27 10.75 -16.19 -14.95
N LEU A 28 10.77 -15.54 -16.11
CA LEU A 28 9.69 -14.64 -16.47
C LEU A 28 8.38 -15.40 -16.63
N GLU A 29 8.43 -16.57 -17.26
CA GLU A 29 7.23 -17.40 -17.41
C GLU A 29 6.70 -17.85 -16.05
N TRP A 30 7.60 -18.20 -15.13
CA TRP A 30 7.19 -18.56 -13.77
C TRP A 30 6.53 -17.37 -13.08
N LEU A 31 7.09 -16.18 -13.23
CA LEU A 31 6.56 -15.00 -12.56
C LEU A 31 5.29 -14.49 -13.21
N LYS A 32 4.98 -14.90 -14.44
CA LYS A 32 3.75 -14.47 -15.08
C LYS A 32 2.54 -15.25 -14.59
N LYS A 33 2.74 -16.28 -13.79
CA LYS A 33 1.61 -17.05 -13.33
C LYS A 33 1.63 -17.26 -11.83
N PRO A 34 0.50 -17.00 -11.17
CA PRO A 34 0.42 -17.24 -9.72
C PRO A 34 0.69 -18.71 -9.41
N MET A 35 1.41 -18.95 -8.32
CA MET A 35 1.81 -20.32 -7.99
C MET A 35 0.66 -21.13 -7.43
N ARG A 36 -0.34 -20.49 -6.80
CA ARG A 36 -1.50 -21.20 -6.28
C ARG A 36 -2.68 -20.26 -6.23
N ILE A 37 -3.80 -20.69 -6.80
CA ILE A 37 -5.06 -19.97 -6.76
C ILE A 37 -6.11 -20.87 -6.13
N VAL A 38 -6.81 -20.37 -5.12
CA VAL A 38 -7.83 -21.13 -4.42
C VAL A 38 -9.15 -20.35 -4.50
N GLU A 39 -10.15 -20.96 -5.12
CA GLU A 39 -11.49 -20.41 -5.19
C GLU A 39 -12.43 -21.33 -4.41
N VAL A 40 -13.13 -20.77 -3.42
CA VAL A 40 -13.94 -21.56 -2.51
C VAL A 40 -15.32 -20.96 -2.40
N SER A 41 -16.29 -21.78 -2.02
CA SER A 41 -17.62 -21.28 -1.70
C SER A 41 -17.71 -20.95 -0.21
N VAL A 42 -18.29 -19.79 0.08
CA VAL A 42 -18.37 -19.31 1.46
C VAL A 42 -19.84 -19.23 1.87
N PRO A 43 -20.37 -20.28 2.50
CA PRO A 43 -21.78 -20.26 2.89
C PRO A 43 -21.96 -19.69 4.29
N ILE A 44 -22.96 -18.81 4.42
CA ILE A 44 -23.32 -18.21 5.70
C ILE A 44 -24.83 -18.30 5.87
N GLU A 45 -25.26 -18.20 7.13
CA GLU A 45 -26.67 -18.21 7.47
C GLU A 45 -27.15 -16.77 7.61
N MET A 46 -28.13 -16.38 6.81
CA MET A 46 -28.65 -15.02 6.84
C MET A 46 -29.45 -14.79 8.10
N ASP A 47 -29.73 -13.52 8.38
CA ASP A 47 -30.47 -13.16 9.59
C ASP A 47 -31.91 -13.61 9.51
N ASP A 48 -32.42 -13.87 8.30
CA ASP A 48 -33.79 -14.33 8.14
C ASP A 48 -33.87 -15.85 8.18
N GLY A 49 -32.73 -16.50 8.47
CA GLY A 49 -32.67 -17.94 8.53
C GLY A 49 -32.28 -18.64 7.26
N SER A 50 -32.17 -17.91 6.15
CA SER A 50 -31.77 -18.53 4.89
C SER A 50 -30.27 -18.75 4.85
N VAL A 51 -29.83 -19.51 3.84
CA VAL A 51 -28.41 -19.78 3.64
C VAL A 51 -28.02 -19.22 2.28
N LYS A 52 -26.98 -18.40 2.26
CA LYS A 52 -26.46 -17.80 1.04
C LYS A 52 -25.00 -18.20 0.86
N VAL A 53 -24.61 -18.48 -0.38
CA VAL A 53 -23.26 -18.94 -0.69
C VAL A 53 -22.56 -17.80 -1.43
N PHE A 54 -21.38 -17.43 -0.96
CA PHE A 54 -20.58 -16.40 -1.60
C PHE A 54 -19.31 -17.01 -2.21
N THR A 55 -18.72 -16.28 -3.15
CA THR A 55 -17.51 -16.73 -3.82
C THR A 55 -16.30 -16.05 -3.18
N GLY A 56 -15.37 -16.85 -2.67
CA GLY A 56 -14.18 -16.34 -2.04
C GLY A 56 -12.93 -16.75 -2.82
N PHE A 57 -11.90 -15.92 -2.74
CA PHE A 57 -10.65 -16.16 -3.45
C PHE A 57 -9.48 -16.06 -2.49
N ARG A 58 -8.40 -16.76 -2.83
CA ARG A 58 -7.13 -16.65 -2.11
C ARG A 58 -6.02 -17.01 -3.07
N VAL A 59 -5.35 -16.01 -3.61
CA VAL A 59 -4.31 -16.19 -4.63
C VAL A 59 -2.95 -15.97 -3.98
N GLN A 60 -2.06 -16.93 -4.13
CA GLN A 60 -0.68 -16.84 -3.65
C GLN A 60 0.22 -16.81 -4.89
N HIS A 61 0.67 -15.61 -5.25
CA HIS A 61 1.41 -15.46 -6.51
C HIS A 61 2.77 -16.14 -6.45
N ASN A 62 3.53 -15.90 -5.37
CA ASN A 62 4.88 -16.41 -5.27
C ASN A 62 5.28 -16.41 -3.81
N TRP A 63 6.04 -17.43 -3.39
CA TRP A 63 6.52 -17.52 -2.02
C TRP A 63 7.99 -17.93 -1.97
N ALA A 64 8.79 -17.47 -2.95
CA ALA A 64 10.21 -17.77 -2.92
C ALA A 64 10.90 -17.10 -1.75
N ARG A 65 10.52 -15.87 -1.42
CA ARG A 65 11.15 -15.11 -0.34
C ARG A 65 10.59 -15.42 1.03
N GLY A 66 9.46 -16.13 1.12
CA GLY A 66 8.86 -16.44 2.38
C GLY A 66 7.35 -16.53 2.29
N PRO A 67 6.67 -16.54 3.44
CA PRO A 67 5.21 -16.63 3.44
C PRO A 67 4.57 -15.45 2.71
N THR A 68 3.51 -15.74 1.97
CA THR A 68 2.85 -14.72 1.18
C THR A 68 2.08 -13.76 2.08
N LYS A 69 1.98 -12.50 1.64
CA LYS A 69 1.32 -11.45 2.39
C LYS A 69 0.37 -10.68 1.48
N GLY A 70 -0.82 -10.37 1.98
CA GLY A 70 -1.78 -9.61 1.21
C GLY A 70 -3.13 -9.49 1.89
N GLY A 71 -3.94 -8.53 1.47
CA GLY A 71 -5.20 -8.27 2.13
C GLY A 71 -6.36 -9.05 1.54
N ILE A 72 -7.53 -8.85 2.14
CA ILE A 72 -8.79 -9.44 1.69
C ILE A 72 -9.76 -8.33 1.38
N ARG A 73 -10.31 -8.33 0.16
CA ARG A 73 -11.26 -7.31 -0.28
C ARG A 73 -12.68 -7.85 -0.18
N TRP A 74 -13.59 -7.01 0.26
CA TRP A 74 -15.02 -7.33 0.26
C TRP A 74 -15.72 -6.33 -0.63
N HIS A 75 -15.78 -6.62 -1.93
CA HIS A 75 -16.37 -5.69 -2.88
C HIS A 75 -17.35 -6.45 -3.76
N PRO A 76 -18.51 -5.86 -4.10
CA PRO A 76 -19.45 -6.55 -4.99
C PRO A 76 -18.90 -6.77 -6.39
N ALA A 77 -17.88 -6.03 -6.80
CA ALA A 77 -17.28 -6.17 -8.13
C ALA A 77 -15.97 -6.93 -8.11
N GLU A 78 -15.73 -7.76 -7.09
CA GLU A 78 -14.50 -8.54 -7.02
C GLU A 78 -14.47 -9.59 -8.11
N THR A 79 -13.29 -9.80 -8.68
CA THR A 79 -13.07 -10.79 -9.72
C THR A 79 -11.74 -11.50 -9.46
N LEU A 80 -11.66 -12.75 -9.91
CA LEU A 80 -10.43 -13.51 -9.74
C LEU A 80 -9.26 -12.82 -10.43
N SER A 81 -9.52 -12.16 -11.56
CA SER A 81 -8.47 -11.43 -12.27
C SER A 81 -7.92 -10.30 -11.40
N THR A 82 -8.81 -9.55 -10.75
CA THR A 82 -8.35 -8.46 -9.89
C THR A 82 -7.54 -8.99 -8.71
N VAL A 83 -7.96 -10.09 -8.11
CA VAL A 83 -7.23 -10.67 -7.00
C VAL A 83 -5.84 -11.12 -7.46
N LYS A 84 -5.77 -11.76 -8.63
CA LYS A 84 -4.48 -12.21 -9.16
C LYS A 84 -3.56 -11.03 -9.43
N ALA A 85 -4.10 -9.97 -10.04
CA ALA A 85 -3.27 -8.80 -10.33
C ALA A 85 -2.78 -8.14 -9.04
N LEU A 86 -3.63 -8.06 -8.03
CA LEU A 86 -3.23 -7.43 -6.78
C LEU A 86 -2.22 -8.29 -6.03
N ALA A 87 -2.33 -9.62 -6.12
CA ALA A 87 -1.32 -10.48 -5.52
C ALA A 87 0.03 -10.31 -6.23
N THR A 88 0.00 -10.21 -7.56
CA THR A 88 1.22 -9.96 -8.31
C THR A 88 1.87 -8.64 -7.90
N TRP A 89 1.05 -7.62 -7.71
CA TRP A 89 1.59 -6.31 -7.30
CA TRP A 89 1.55 -6.29 -7.38
C TRP A 89 2.10 -6.38 -5.85
N MET A 90 1.42 -7.13 -5.00
CA MET A 90 1.87 -7.27 -3.62
C MET A 90 3.22 -7.98 -3.55
N THR A 91 3.48 -8.91 -4.47
CA THR A 91 4.80 -9.52 -4.54
C THR A 91 5.89 -8.47 -4.68
N TRP A 92 5.76 -7.58 -5.66
CA TRP A 92 6.78 -6.54 -5.85
C TRP A 92 6.77 -5.56 -4.69
N LYS A 93 5.60 -5.31 -4.09
CA LYS A 93 5.52 -4.38 -2.97
C LYS A 93 6.33 -4.88 -1.77
N VAL A 94 6.25 -6.18 -1.50
CA VAL A 94 7.04 -6.71 -0.39
C VAL A 94 8.49 -6.94 -0.79
N ALA A 95 8.75 -7.14 -2.08
CA ALA A 95 10.13 -7.36 -2.50
C ALA A 95 10.94 -6.07 -2.54
N VAL A 96 10.32 -4.94 -2.87
CA VAL A 96 11.08 -3.70 -3.01
C VAL A 96 11.60 -3.20 -1.67
N VAL A 97 10.87 -3.44 -0.60
CA VAL A 97 11.24 -2.94 0.72
C VAL A 97 11.93 -4.05 1.54
N ASP A 98 12.31 -5.14 0.88
CA ASP A 98 13.14 -6.20 1.47
C ASP A 98 12.44 -6.87 2.67
N LEU A 99 11.25 -7.39 2.42
CA LEU A 99 10.63 -8.16 3.49
C LEU A 99 10.71 -9.65 3.17
N PRO A 100 10.81 -10.52 4.17
CA PRO A 100 10.83 -11.96 3.90
C PRO A 100 9.44 -12.50 3.58
N TYR A 101 8.79 -11.90 2.59
CA TYR A 101 7.42 -12.22 2.24
C TYR A 101 7.30 -12.51 0.75
N GLY A 102 6.25 -13.24 0.39
CA GLY A 102 5.80 -13.38 -0.97
C GLY A 102 4.59 -12.49 -1.24
N GLY A 103 3.88 -12.83 -2.31
CA GLY A 103 2.69 -12.10 -2.72
C GLY A 103 1.44 -12.93 -2.51
N GLY A 104 0.41 -12.30 -1.96
CA GLY A 104 -0.86 -12.96 -1.73
C GLY A 104 -1.99 -11.95 -1.79
N LYS A 105 -3.20 -12.47 -1.94
CA LYS A 105 -4.38 -11.64 -2.00
C LYS A 105 -5.62 -12.50 -1.85
N GLY A 106 -6.67 -11.91 -1.28
CA GLY A 106 -7.94 -12.59 -1.13
C GLY A 106 -9.09 -11.66 -1.49
N GLY A 107 -10.29 -12.23 -1.50
CA GLY A 107 -11.46 -11.45 -1.83
C GLY A 107 -12.72 -12.29 -1.78
N ILE A 108 -13.82 -11.63 -1.42
CA ILE A 108 -15.14 -12.23 -1.43
C ILE A 108 -16.06 -11.32 -2.24
N ILE A 109 -16.81 -11.90 -3.17
CA ILE A 109 -17.74 -11.14 -3.99
C ILE A 109 -19.00 -10.92 -3.17
N VAL A 110 -19.06 -9.81 -2.44
CA VAL A 110 -20.16 -9.52 -1.55
C VAL A 110 -20.26 -8.02 -1.37
N ASN A 111 -21.49 -7.53 -1.20
CA ASN A 111 -21.72 -6.13 -0.86
C ASN A 111 -21.87 -6.05 0.65
N PRO A 112 -20.85 -5.61 1.39
CA PRO A 112 -20.94 -5.58 2.86
C PRO A 112 -21.83 -4.48 3.43
N LYS A 113 -22.35 -3.59 2.59
CA LYS A 113 -23.22 -2.52 3.05
C LYS A 113 -24.60 -3.05 3.41
N GLU A 114 -24.94 -4.21 2.86
CA GLU A 114 -26.22 -4.85 3.11
C GLU A 114 -26.13 -6.01 4.08
N LEU A 115 -25.00 -6.16 4.78
CA LEU A 115 -24.85 -7.22 5.76
C LEU A 115 -24.81 -6.65 7.17
N SER A 116 -25.46 -7.34 8.10
CA SER A 116 -25.41 -6.92 9.49
C SER A 116 -24.11 -7.38 10.14
N GLU A 117 -23.91 -6.97 11.39
CA GLU A 117 -22.70 -7.33 12.10
C GLU A 117 -22.57 -8.84 12.28
N ARG A 118 -23.67 -9.50 12.65
CA ARG A 118 -23.64 -10.95 12.80
C ARG A 118 -23.37 -11.63 11.47
N GLU A 119 -23.99 -11.15 10.39
CA GLU A 119 -23.74 -11.74 9.08
C GLU A 119 -22.29 -11.52 8.63
N GLN A 120 -21.72 -10.35 8.92
CA GLN A 120 -20.32 -10.11 8.56
C GLN A 120 -19.39 -11.02 9.36
N GLU A 121 -19.68 -11.21 10.65
CA GLU A 121 -18.87 -12.13 11.44
C GLU A 121 -18.97 -13.55 10.91
N ARG A 122 -20.17 -13.98 10.54
CA ARG A 122 -20.36 -15.31 9.95
C ARG A 122 -19.59 -15.42 8.64
N LEU A 123 -19.60 -14.36 7.83
CA LEU A 123 -18.85 -14.38 6.58
C LEU A 123 -17.36 -14.53 6.81
N ALA A 124 -16.82 -13.79 7.78
CA ALA A 124 -15.39 -13.90 8.09
C ALA A 124 -15.04 -15.30 8.57
N ARG A 125 -15.85 -15.84 9.48
CA ARG A 125 -15.57 -17.17 10.02
C ARG A 125 -15.68 -18.25 8.94
N ALA A 126 -16.68 -18.13 8.05
CA ALA A 126 -16.82 -19.09 6.98
C ALA A 126 -15.68 -18.98 5.98
N TYR A 127 -15.21 -17.77 5.69
CA TYR A 127 -14.05 -17.61 4.82
C TYR A 127 -12.82 -18.28 5.41
N ILE A 128 -12.61 -18.12 6.73
CA ILE A 128 -11.49 -18.78 7.38
C ILE A 128 -11.65 -20.29 7.31
N ARG A 129 -12.85 -20.79 7.58
CA ARG A 129 -13.09 -22.23 7.49
C ARG A 129 -12.83 -22.76 6.09
N ALA A 130 -13.13 -21.97 5.06
CA ALA A 130 -12.92 -22.38 3.68
C ALA A 130 -11.45 -22.36 3.27
N VAL A 131 -10.69 -21.35 3.69
CA VAL A 131 -9.32 -21.18 3.22
C VAL A 131 -8.28 -21.57 4.27
N TYR A 132 -8.69 -22.26 5.33
CA TYR A 132 -7.75 -22.65 6.38
C TYR A 132 -6.59 -23.46 5.84
N ASP A 133 -6.84 -24.33 4.86
CA ASP A 133 -5.82 -25.28 4.43
C ASP A 133 -4.68 -24.62 3.66
N VAL A 134 -4.81 -23.35 3.28
CA VAL A 134 -3.80 -22.67 2.49
C VAL A 134 -3.29 -21.41 3.17
N ILE A 135 -3.60 -21.22 4.46
CA ILE A 135 -3.15 -20.06 5.21
C ILE A 135 -2.49 -20.52 6.50
N GLY A 136 -1.73 -19.62 7.10
CA GLY A 136 -1.05 -19.91 8.34
C GLY A 136 -0.03 -18.85 8.71
N PRO A 137 0.51 -18.92 9.93
CA PRO A 137 1.53 -17.96 10.34
C PRO A 137 2.78 -18.00 9.47
N TRP A 138 3.10 -19.15 8.88
CA TRP A 138 4.28 -19.28 8.03
C TRP A 138 3.93 -19.65 6.60
N THR A 139 2.65 -19.59 6.23
CA THR A 139 2.21 -19.91 4.87
C THR A 139 1.59 -18.72 4.16
N ASP A 140 0.61 -18.08 4.79
CA ASP A 140 -0.10 -16.95 4.17
C ASP A 140 -0.73 -16.08 5.24
N ILE A 141 -0.40 -14.79 5.24
CA ILE A 141 -0.87 -13.87 6.27
C ILE A 141 -1.81 -12.83 5.66
N PRO A 142 -3.12 -12.97 5.83
CA PRO A 142 -4.04 -11.95 5.32
C PRO A 142 -3.94 -10.61 6.05
N ALA A 143 -4.65 -9.60 5.54
CA ALA A 143 -4.58 -8.24 6.09
C ALA A 143 -5.83 -7.44 5.72
N PRO A 144 -6.09 -6.32 6.39
CA PRO A 144 -7.22 -5.48 6.00
C PRO A 144 -7.09 -4.97 4.57
N ASP A 145 -8.24 -4.76 3.94
CA ASP A 145 -8.29 -4.11 2.64
C ASP A 145 -9.62 -3.37 2.47
N VAL A 146 -9.98 -3.05 1.23
CA VAL A 146 -11.18 -2.25 0.97
C VAL A 146 -12.39 -2.95 1.59
N TYR A 147 -13.22 -2.17 2.29
CA TYR A 147 -14.40 -2.58 3.04
C TYR A 147 -14.09 -3.67 4.05
N THR A 148 -12.87 -3.76 4.56
CA THR A 148 -12.52 -4.71 5.61
C THR A 148 -11.70 -3.98 6.67
N ASN A 149 -11.91 -4.35 7.93
CA ASN A 149 -11.41 -3.56 9.04
C ASN A 149 -10.82 -4.45 10.13
N PRO A 150 -10.16 -3.87 11.15
CA PRO A 150 -9.57 -4.71 12.21
C PRO A 150 -10.57 -5.59 12.95
N LYS A 151 -11.84 -5.22 12.98
CA LYS A 151 -12.85 -6.06 13.62
C LYS A 151 -12.97 -7.41 12.91
N ILE A 152 -13.02 -7.39 11.58
CA ILE A 152 -13.03 -8.62 10.80
C ILE A 152 -11.73 -9.38 10.98
N MET A 153 -10.61 -8.67 11.13
CA MET A 153 -9.35 -9.32 11.44
C MET A 153 -9.42 -10.09 12.75
N GLY A 154 -10.00 -9.48 13.78
CA GLY A 154 -10.14 -10.17 15.05
C GLY A 154 -11.03 -11.40 14.94
N TRP A 155 -12.15 -11.27 14.21
CA TRP A 155 -13.02 -12.43 14.02
C TRP A 155 -12.30 -13.55 13.28
N MET A 156 -11.56 -13.21 12.22
CA MET A 156 -10.83 -14.21 11.45
C MET A 156 -9.75 -14.88 12.30
N MET A 157 -9.03 -14.09 13.10
CA MET A 157 -8.00 -14.65 13.96
C MET A 157 -8.61 -15.60 14.99
N ASP A 158 -9.74 -15.21 15.57
CA ASP A 158 -10.39 -16.07 16.55
C ASP A 158 -10.83 -17.39 15.92
N GLU A 159 -11.40 -17.33 14.72
CA GLU A 159 -11.81 -18.57 14.06
C GLU A 159 -10.60 -19.44 13.71
N TYR A 160 -9.51 -18.83 13.24
CA TYR A 160 -8.31 -19.60 12.93
C TYR A 160 -7.75 -20.26 14.18
N GLU A 161 -7.73 -19.52 15.30
CA GLU A 161 -7.24 -20.11 16.55
C GLU A 161 -8.13 -21.24 17.01
N THR A 162 -9.45 -21.11 16.83
CA THR A 162 -10.37 -22.18 17.20
C THR A 162 -10.10 -23.43 16.37
N ILE A 163 -9.88 -23.28 15.06
CA ILE A 163 -9.63 -24.44 14.21
C ILE A 163 -8.27 -25.04 14.51
N MET A 164 -7.26 -24.21 14.75
CA MET A 164 -5.89 -24.68 14.94
C MET A 164 -5.68 -25.32 16.31
N ARG A 165 -6.61 -25.13 17.24
CA ARG A 165 -6.54 -25.71 18.58
C ARG A 165 -5.35 -25.16 19.38
N ARG A 166 -4.98 -23.92 19.08
CA ARG A 166 -3.92 -23.22 19.81
C ARG A 166 -2.61 -24.00 19.82
N LYS A 167 -2.21 -24.53 18.66
CA LYS A 167 -0.98 -25.29 18.56
C LYS A 167 0.22 -24.45 18.17
N GLY A 168 0.05 -23.14 18.01
CA GLY A 168 1.13 -22.26 17.63
C GLY A 168 0.73 -20.81 17.68
N PRO A 169 1.53 -19.95 17.06
CA PRO A 169 1.23 -18.50 17.07
C PRO A 169 0.04 -18.13 16.19
N ALA A 170 -1.16 -18.39 16.71
CA ALA A 170 -2.36 -18.08 15.96
C ALA A 170 -2.58 -16.57 15.83
N PHE A 171 -1.90 -15.78 16.66
CA PHE A 171 -1.99 -14.33 16.53
C PHE A 171 -1.34 -13.87 15.23
N GLY A 172 -0.28 -14.54 14.81
CA GLY A 172 0.48 -14.17 13.63
C GLY A 172 -0.10 -14.63 12.31
N VAL A 173 -1.24 -15.33 12.33
CA VAL A 173 -1.85 -15.75 11.07
C VAL A 173 -2.41 -14.57 10.28
N ILE A 174 -2.71 -13.45 10.93
CA ILE A 174 -3.36 -12.34 10.27
C ILE A 174 -2.89 -11.06 10.95
N THR A 175 -2.78 -9.99 10.17
CA THR A 175 -2.33 -8.69 10.67
C THR A 175 -3.47 -7.69 10.63
N GLY A 176 -3.19 -6.50 11.13
CA GLY A 176 -4.21 -5.48 11.27
C GLY A 176 -5.20 -5.71 12.39
N LYS A 177 -4.85 -6.54 13.37
CA LYS A 177 -5.73 -6.91 14.47
C LYS A 177 -5.84 -5.76 15.48
N PRO A 178 -6.88 -5.77 16.31
CA PRO A 178 -6.95 -4.80 17.40
C PRO A 178 -5.82 -4.99 18.40
N LEU A 179 -5.43 -3.90 19.05
CA LEU A 179 -4.34 -3.92 20.01
C LEU A 179 -4.54 -4.93 21.12
N SER A 180 -5.79 -5.13 21.52
CA SER A 180 -6.07 -6.07 22.61
C SER A 180 -5.69 -7.50 22.24
N ILE A 181 -5.75 -7.86 20.97
CA ILE A 181 -5.41 -9.20 20.52
C ILE A 181 -4.34 -9.15 19.42
N GLY A 182 -3.08 -9.14 19.83
CA GLY A 182 -1.97 -9.21 18.89
C GLY A 182 -1.77 -8.01 18.00
N GLY A 183 -2.39 -6.88 18.33
CA GLY A 183 -2.23 -5.69 17.53
C GLY A 183 -0.86 -5.05 17.70
N SER A 184 -0.57 -4.10 16.82
CA SER A 184 0.71 -3.43 16.80
C SER A 184 0.54 -1.92 16.85
N LEU A 185 1.52 -1.24 17.45
CA LEU A 185 1.50 0.20 17.52
C LEU A 185 2.03 0.81 16.22
N GLY A 186 1.54 2.00 15.91
CA GLY A 186 1.95 2.70 14.70
C GLY A 186 1.24 2.29 13.44
N ARG A 187 0.24 1.42 13.52
CA ARG A 187 -0.47 0.98 12.32
C ARG A 187 -1.31 2.11 11.73
N GLY A 188 -1.78 3.05 12.56
CA GLY A 188 -2.61 4.12 12.05
C GLY A 188 -1.87 5.05 11.11
N THR A 189 -0.62 5.37 11.44
CA THR A 189 0.18 6.32 10.67
C THR A 189 1.31 5.66 9.90
N ALA A 190 1.15 4.39 9.51
CA ALA A 190 2.24 3.67 8.86
C ALA A 190 2.55 4.26 7.48
N THR A 191 1.52 4.43 6.65
CA THR A 191 1.73 4.90 5.29
C THR A 191 2.32 6.31 5.28
N ALA A 192 1.77 7.20 6.11
CA ALA A 192 2.27 8.57 6.17
C ALA A 192 3.70 8.61 6.69
N GLN A 193 4.01 7.78 7.69
CA GLN A 193 5.37 7.76 8.22
C GLN A 193 6.37 7.28 7.17
N GLY A 194 6.01 6.23 6.42
CA GLY A 194 6.88 5.78 5.34
C GLY A 194 7.05 6.84 4.27
N ALA A 195 5.96 7.53 3.92
CA ALA A 195 6.05 8.59 2.93
C ALA A 195 6.95 9.72 3.41
N ILE A 196 6.86 10.07 4.69
CA ILE A 196 7.71 11.13 5.25
C ILE A 196 9.17 10.73 5.21
N PHE A 197 9.47 9.48 5.58
CA PHE A 197 10.86 9.02 5.52
C PHE A 197 11.39 9.04 4.09
N THR A 198 10.57 8.59 3.12
CA THR A 198 11.01 8.63 1.73
C THR A 198 11.20 10.06 1.23
N ILE A 199 10.34 10.98 1.64
CA ILE A 199 10.49 12.38 1.23
C ILE A 199 11.76 12.97 1.82
N ARG A 200 12.05 12.66 3.08
CA ARG A 200 13.29 13.14 3.70
C ARG A 200 14.51 12.59 2.96
N GLU A 201 14.50 11.30 2.62
CA GLU A 201 15.62 10.74 1.89
C GLU A 201 15.74 11.32 0.49
N ALA A 202 14.62 11.60 -0.17
CA ALA A 202 14.67 12.23 -1.49
C ALA A 202 15.26 13.63 -1.40
N ALA A 203 14.87 14.39 -0.38
CA ALA A 203 15.44 15.72 -0.18
C ALA A 203 16.93 15.64 0.08
N LYS A 204 17.36 14.64 0.87
CA LYS A 204 18.78 14.44 1.12
C LYS A 204 19.51 14.12 -0.19
N ALA A 205 18.91 13.28 -1.03
CA ALA A 205 19.54 12.92 -2.31
C ALA A 205 19.64 14.12 -3.23
N LEU A 206 18.61 14.96 -3.26
CA LEU A 206 18.61 16.15 -4.09
C LEU A 206 19.37 17.31 -3.48
N GLY A 207 19.82 17.18 -2.23
CA GLY A 207 20.51 18.27 -1.56
C GLY A 207 19.64 19.43 -1.16
N ILE A 208 18.38 19.19 -0.82
CA ILE A 208 17.45 20.25 -0.46
C ILE A 208 17.09 20.14 1.01
N ASP A 209 17.17 21.26 1.71
CA ASP A 209 16.81 21.32 3.12
C ASP A 209 15.31 21.60 3.17
N LEU A 210 14.56 20.69 3.78
CA LEU A 210 13.11 20.83 3.84
C LEU A 210 12.65 21.86 4.86
N LYS A 211 13.48 22.18 5.85
CA LYS A 211 13.10 23.17 6.86
C LYS A 211 12.78 24.50 6.20
N GLY A 212 11.50 24.90 6.26
CA GLY A 212 11.09 26.14 5.65
C GLY A 212 10.56 26.04 4.24
N LYS A 213 10.35 24.83 3.74
CA LYS A 213 9.84 24.66 2.38
C LYS A 213 8.32 24.46 2.40
N LYS A 214 7.76 24.29 1.21
CA LYS A 214 6.32 24.19 1.03
C LYS A 214 5.95 22.80 0.51
N ILE A 215 4.80 22.30 0.96
CA ILE A 215 4.29 21.01 0.55
C ILE A 215 2.80 21.13 0.28
N ALA A 216 2.32 20.48 -0.78
CA ALA A 216 0.91 20.43 -1.12
C ALA A 216 0.46 18.98 -1.15
N VAL A 217 -0.67 18.70 -0.48
CA VAL A 217 -1.20 17.35 -0.35
C VAL A 217 -2.57 17.32 -0.98
N GLN A 218 -2.80 16.37 -1.90
CA GLN A 218 -4.09 16.18 -2.55
C GLN A 218 -4.77 15.00 -1.86
N GLY A 219 -5.99 15.18 -1.35
CA GLY A 219 -6.66 14.14 -0.57
C GLY A 219 -6.30 14.33 0.88
N TYR A 220 -7.33 14.43 1.72
CA TYR A 220 -7.14 14.69 3.14
C TYR A 220 -7.78 13.61 3.99
N GLY A 221 -7.69 12.36 3.56
CA GLY A 221 -8.18 11.25 4.35
C GLY A 221 -7.20 10.90 5.46
N ASN A 222 -7.10 9.62 5.81
CA ASN A 222 -6.12 9.21 6.80
C ASN A 222 -4.70 9.47 6.30
N ALA A 223 -4.39 8.98 5.10
CA ALA A 223 -3.04 9.11 4.57
C ALA A 223 -2.66 10.56 4.33
N GLY A 224 -3.55 11.33 3.68
CA GLY A 224 -3.22 12.70 3.38
C GLY A 224 -3.06 13.57 4.62
N TYR A 225 -4.01 13.46 5.56
CA TYR A 225 -3.93 14.25 6.77
C TYR A 225 -2.70 13.91 7.59
N TYR A 226 -2.43 12.61 7.76
CA TYR A 226 -1.26 12.24 8.52
C TYR A 226 0.03 12.61 7.81
N THR A 227 0.05 12.56 6.47
CA THR A 227 1.23 12.99 5.73
C THR A 227 1.50 14.46 5.98
N ALA A 228 0.46 15.30 5.89
CA ALA A 228 0.64 16.73 6.13
C ALA A 228 1.09 16.99 7.56
N LYS A 229 0.45 16.34 8.52
CA LYS A 229 0.78 16.57 9.93
C LYS A 229 2.21 16.14 10.24
N LEU A 230 2.61 14.95 9.76
CA LEU A 230 3.96 14.46 10.02
C LEU A 230 5.01 15.30 9.29
N ALA A 231 4.69 15.77 8.08
CA ALA A 231 5.60 16.67 7.39
C ALA A 231 5.85 17.92 8.22
N LYS A 232 4.77 18.57 8.65
CA LYS A 232 4.91 19.81 9.42
C LYS A 232 5.64 19.55 10.75
N GLU A 233 5.37 18.42 11.39
CA GLU A 233 5.97 18.14 12.69
C GLU A 233 7.45 17.81 12.55
N GLN A 234 7.77 16.75 11.81
CA GLN A 234 9.14 16.26 11.75
C GLN A 234 9.97 17.03 10.73
N LEU A 235 9.51 17.10 9.49
CA LEU A 235 10.32 17.69 8.42
C LEU A 235 10.37 19.20 8.48
N GLY A 236 9.44 19.81 9.20
CA GLY A 236 9.39 21.26 9.32
C GLY A 236 9.01 21.94 8.01
N MET A 237 8.15 21.28 7.25
CA MET A 237 7.70 21.82 5.96
C MET A 237 6.36 22.54 6.12
N THR A 238 6.26 23.73 5.53
CA THR A 238 5.03 24.51 5.59
C THR A 238 3.96 23.95 4.68
N VAL A 239 2.84 23.54 5.27
CA VAL A 239 1.73 22.99 4.50
C VAL A 239 0.92 24.16 3.96
N VAL A 240 0.86 24.30 2.64
CA VAL A 240 0.21 25.47 2.04
C VAL A 240 -1.09 25.12 1.32
N ALA A 241 -1.37 23.85 1.09
CA ALA A 241 -2.57 23.47 0.36
C ALA A 241 -2.94 22.03 0.66
N VAL A 242 -4.23 21.82 0.94
CA VAL A 242 -4.80 20.49 1.11
C VAL A 242 -6.12 20.45 0.35
N SER A 243 -6.59 19.24 0.07
CA SER A 243 -7.81 19.08 -0.72
C SER A 243 -8.57 17.83 -0.28
N ASP A 244 -9.85 17.82 -0.61
CA ASP A 244 -10.74 16.68 -0.44
C ASP A 244 -11.47 16.43 -1.76
N SER A 245 -12.47 15.56 -1.74
CA SER A 245 -13.27 15.33 -2.94
C SER A 245 -14.00 16.58 -3.39
N ARG A 246 -14.54 17.32 -2.43
CA ARG A 246 -15.29 18.54 -2.73
C ARG A 246 -14.43 19.64 -3.34
N GLY A 247 -13.24 19.85 -2.78
CA GLY A 247 -12.36 20.89 -3.28
C GLY A 247 -11.13 21.01 -2.41
N GLY A 248 -10.38 22.10 -2.65
CA GLY A 248 -9.14 22.35 -1.95
C GLY A 248 -9.05 23.79 -1.46
N ILE A 249 -8.05 24.03 -0.60
CA ILE A 249 -7.79 25.33 -0.03
C ILE A 249 -6.30 25.63 -0.16
N TYR A 250 -5.98 26.93 -0.13
CA TYR A 250 -4.60 27.37 -0.30
C TYR A 250 -4.33 28.54 0.64
N ASN A 251 -3.13 28.54 1.25
CA ASN A 251 -2.68 29.64 2.08
C ASN A 251 -1.15 29.67 2.09
N PRO A 252 -0.54 30.69 1.48
CA PRO A 252 0.93 30.75 1.46
C PRO A 252 1.57 30.86 2.83
N ASP A 253 0.86 31.38 3.83
CA ASP A 253 1.40 31.52 5.18
C ASP A 253 1.43 30.21 5.95
N GLY A 254 0.71 29.19 5.48
CA GLY A 254 0.73 27.91 6.15
C GLY A 254 -0.60 27.47 6.72
N LEU A 255 -0.79 26.15 6.81
CA LEU A 255 -2.00 25.58 7.38
C LEU A 255 -1.66 24.75 8.61
N ASP A 256 -2.59 24.74 9.57
CA ASP A 256 -2.46 23.86 10.73
C ASP A 256 -3.29 22.61 10.48
N PRO A 257 -2.66 21.45 10.34
CA PRO A 257 -3.43 20.24 9.99
C PRO A 257 -4.51 19.88 10.99
N ASP A 258 -4.28 20.12 12.29
CA ASP A 258 -5.28 19.79 13.29
C ASP A 258 -6.53 20.64 13.12
N GLU A 259 -6.35 21.94 12.90
CA GLU A 259 -7.49 22.83 12.69
C GLU A 259 -8.23 22.48 11.41
N VAL A 260 -7.51 22.14 10.34
CA VAL A 260 -8.15 21.76 9.10
C VAL A 260 -8.95 20.47 9.29
N LEU A 261 -8.40 19.51 10.02
CA LEU A 261 -9.13 18.28 10.30
C LEU A 261 -10.39 18.55 11.12
N LYS A 262 -10.28 19.45 12.08
CA LYS A 262 -11.42 19.82 12.91
C LYS A 262 -12.51 20.45 12.07
N TRP A 263 -12.11 21.35 11.16
CA TRP A 263 -13.07 22.01 10.29
C TRP A 263 -13.72 21.03 9.33
N LYS A 264 -12.94 20.06 8.82
CA LYS A 264 -13.50 19.04 7.94
C LYS A 264 -14.50 18.17 8.69
N ARG A 265 -14.17 17.84 9.94
CA ARG A 265 -15.04 16.99 10.75
C ARG A 265 -16.20 17.78 11.35
N GLU A 266 -16.26 19.07 11.03
CA GLU A 266 -17.33 19.92 11.53
C GLU A 266 -18.19 20.48 10.41
N HIS A 267 -17.55 20.74 9.26
CA HIS A 267 -18.26 21.29 8.11
C HIS A 267 -18.40 20.26 7.00
N GLY A 268 -17.96 19.03 7.26
CA GLY A 268 -18.03 17.97 6.29
C GLY A 268 -17.07 18.08 5.12
N SER A 269 -16.31 19.17 5.03
CA SER A 269 -15.37 19.35 3.93
C SER A 269 -14.28 20.33 4.36
N VAL A 270 -13.17 20.30 3.64
CA VAL A 270 -12.05 21.19 3.94
C VAL A 270 -12.25 22.57 3.34
N LYS A 271 -13.26 22.72 2.48
CA LYS A 271 -13.52 24.00 1.84
C LYS A 271 -13.98 25.07 2.82
N ASP A 272 -13.79 26.33 2.40
CA ASP A 272 -14.16 27.52 3.18
C ASP A 272 -13.45 27.59 4.52
N PHE A 273 -12.25 27.03 4.63
CA PHE A 273 -11.45 27.14 5.84
C PHE A 273 -11.06 28.60 6.07
N PRO A 274 -11.21 29.12 7.29
CA PRO A 274 -10.88 30.54 7.54
C PRO A 274 -9.45 30.88 7.19
N GLY A 275 -9.24 32.02 6.54
CA GLY A 275 -7.93 32.48 6.16
C GLY A 275 -7.33 31.79 4.95
N ALA A 276 -8.07 30.90 4.31
CA ALA A 276 -7.56 30.13 3.18
C ALA A 276 -8.37 30.44 1.92
N THR A 277 -7.68 30.47 0.78
CA THR A 277 -8.33 30.72 -0.50
C THR A 277 -8.75 29.40 -1.11
N ASN A 278 -10.00 29.32 -1.56
CA ASN A 278 -10.52 28.10 -2.17
C ASN A 278 -9.88 27.88 -3.53
N ILE A 279 -9.38 26.68 -3.77
CA ILE A 279 -8.78 26.31 -5.04
C ILE A 279 -9.33 24.94 -5.46
N THR A 280 -9.23 24.66 -6.74
CA THR A 280 -9.61 23.35 -7.27
C THR A 280 -8.43 22.39 -7.16
N ASN A 281 -8.73 21.10 -7.30
CA ASN A 281 -7.71 20.06 -7.22
C ASN A 281 -6.70 20.27 -8.34
N GLU A 282 -7.19 20.56 -9.53
CA GLU A 282 -6.32 20.80 -10.68
C GLU A 282 -5.41 21.98 -10.39
N GLU A 283 -5.97 23.00 -9.74
CA GLU A 283 -5.21 24.19 -9.39
C GLU A 283 -4.17 23.89 -8.33
N LEU A 284 -4.47 22.96 -7.41
CA LEU A 284 -3.46 22.55 -6.44
C LEU A 284 -2.30 21.85 -7.12
N LEU A 285 -2.58 21.02 -8.14
CA LEU A 285 -1.49 20.38 -8.87
C LEU A 285 -0.61 21.40 -9.59
N GLU A 286 -1.10 22.63 -9.76
CA GLU A 286 -0.38 23.69 -10.47
C GLU A 286 0.54 24.50 -9.58
N LEU A 287 0.41 24.40 -8.26
CA LEU A 287 1.14 25.29 -7.36
C LEU A 287 2.64 25.00 -7.42
N GLU A 288 3.43 26.06 -7.22
CA GLU A 288 4.88 25.96 -7.18
C GLU A 288 5.28 25.58 -5.76
N VAL A 289 5.51 24.29 -5.54
CA VAL A 289 5.93 23.78 -4.24
C VAL A 289 7.19 22.95 -4.43
N ASP A 290 7.71 22.43 -3.31
CA ASP A 290 8.92 21.62 -3.38
C ASP A 290 8.61 20.15 -3.14
N VAL A 291 7.47 19.84 -2.52
CA VAL A 291 7.02 18.48 -2.33
C VAL A 291 5.54 18.42 -2.67
N LEU A 292 5.16 17.48 -3.54
CA LEU A 292 3.77 17.22 -3.87
C LEU A 292 3.43 15.79 -3.49
N ALA A 293 2.33 15.61 -2.75
CA ALA A 293 1.95 14.31 -2.20
C ALA A 293 0.52 13.99 -2.59
N PRO A 294 0.29 13.45 -3.79
CA PRO A 294 -1.06 12.98 -4.13
C PRO A 294 -1.47 11.78 -3.31
N ALA A 295 -2.45 11.97 -2.43
CA ALA A 295 -2.92 10.92 -1.53
C ALA A 295 -4.40 10.66 -1.77
N ALA A 296 -4.79 10.52 -3.03
CA ALA A 296 -6.19 10.53 -3.42
C ALA A 296 -6.42 9.57 -4.58
N ILE A 297 -7.51 9.81 -5.31
CA ILE A 297 -7.89 8.96 -6.44
C ILE A 297 -6.79 8.70 -7.45
N GLU A 298 -6.85 7.54 -8.08
CA GLU A 298 -5.89 7.13 -9.09
C GLU A 298 -5.90 8.08 -10.28
N GLU A 299 -4.73 8.25 -10.88
CA GLU A 299 -4.58 8.93 -12.17
C GLU A 299 -5.00 10.39 -12.09
N VAL A 300 -4.39 11.11 -11.15
CA VAL A 300 -4.59 12.55 -11.05
C VAL A 300 -3.58 13.34 -11.87
N ILE A 301 -2.46 12.72 -12.26
CA ILE A 301 -1.45 13.35 -13.09
C ILE A 301 -1.40 12.61 -14.42
N THR A 302 -1.80 13.29 -15.49
CA THR A 302 -1.86 12.70 -16.82
C THR A 302 -0.95 13.49 -17.74
N GLU A 303 -0.95 13.10 -19.02
CA GLU A 303 -0.14 13.77 -20.03
C GLU A 303 -0.59 15.21 -20.24
N LYS A 304 -1.84 15.51 -19.89
CA LYS A 304 -2.37 16.86 -20.09
C LYS A 304 -1.71 17.85 -19.14
N ASN A 305 -1.62 17.50 -17.86
CA ASN A 305 -1.10 18.41 -16.85
C ASN A 305 0.28 18.03 -16.33
N ALA A 306 0.95 17.06 -16.96
CA ALA A 306 2.28 16.68 -16.50
C ALA A 306 3.29 17.80 -16.66
N ASP A 307 3.23 18.52 -17.79
CA ASP A 307 4.16 19.61 -18.04
C ASP A 307 4.00 20.74 -17.03
N ASN A 308 2.78 21.09 -16.65
CA ASN A 308 2.50 22.23 -15.79
C ASN A 308 2.77 21.96 -14.31
N ILE A 309 3.49 20.90 -13.98
CA ILE A 309 3.80 20.60 -12.59
C ILE A 309 5.12 21.27 -12.20
N LYS A 310 5.10 21.99 -11.09
CA LYS A 310 6.29 22.70 -10.63
C LYS A 310 6.90 22.12 -9.34
N ALA A 311 6.44 20.97 -8.91
CA ALA A 311 6.98 20.37 -7.69
C ALA A 311 8.34 19.74 -7.97
N LYS A 312 9.24 19.85 -7.00
CA LYS A 312 10.58 19.27 -7.12
C LYS A 312 10.53 17.76 -6.83
N ILE A 313 9.71 17.38 -5.86
CA ILE A 313 9.54 15.98 -5.48
C ILE A 313 8.05 15.66 -5.51
N VAL A 314 7.70 14.57 -6.16
CA VAL A 314 6.32 14.09 -6.22
C VAL A 314 6.26 12.77 -5.48
N ALA A 315 5.71 12.79 -4.27
CA ALA A 315 5.60 11.60 -3.44
C ALA A 315 4.27 10.92 -3.72
N GLU A 316 4.31 9.83 -4.48
CA GLU A 316 3.11 9.10 -4.89
C GLU A 316 2.61 8.30 -3.69
N VAL A 317 1.95 9.01 -2.76
CA VAL A 317 1.41 8.35 -1.57
C VAL A 317 0.27 7.43 -1.95
N ALA A 318 -0.54 7.84 -2.93
CA ALA A 318 -1.66 7.03 -3.36
C ALA A 318 -1.18 5.86 -4.23
N ASN A 319 -2.14 5.12 -4.79
CA ASN A 319 -1.85 3.96 -5.61
C ASN A 319 -1.87 4.33 -7.08
N GLY A 320 -0.72 4.77 -7.59
CA GLY A 320 -0.58 5.12 -8.98
C GLY A 320 -1.32 6.38 -9.38
N PRO A 321 -0.88 7.54 -8.86
CA PRO A 321 -1.49 8.81 -9.29
C PRO A 321 -0.83 9.43 -10.51
N VAL A 322 0.17 8.77 -11.11
CA VAL A 322 0.90 9.30 -12.25
C VAL A 322 0.85 8.26 -13.37
N THR A 323 0.50 8.69 -14.58
CA THR A 323 0.44 7.82 -15.73
C THR A 323 1.81 7.70 -16.39
N PRO A 324 2.06 6.64 -17.15
CA PRO A 324 3.38 6.48 -17.77
C PRO A 324 3.79 7.63 -18.68
N GLU A 325 2.85 8.20 -19.45
CA GLU A 325 3.18 9.38 -20.23
C GLU A 325 3.54 10.54 -19.32
N ALA A 326 2.76 10.74 -18.26
CA ALA A 326 3.11 11.74 -17.27
C ALA A 326 4.43 11.41 -16.59
N ASP A 327 4.71 10.12 -16.40
CA ASP A 327 6.00 9.71 -15.84
C ASP A 327 7.15 10.19 -16.71
N ASP A 328 7.06 9.93 -18.02
CA ASP A 328 8.13 10.36 -18.93
C ASP A 328 8.25 11.87 -18.98
N ILE A 329 7.12 12.57 -19.05
CA ILE A 329 7.16 14.04 -19.11
C ILE A 329 7.77 14.62 -17.85
N LEU A 330 7.40 14.08 -16.69
CA LEU A 330 7.91 14.59 -15.42
C LEU A 330 9.39 14.30 -15.26
N ARG A 331 9.83 13.11 -15.70
CA ARG A 331 11.24 12.79 -15.65
C ARG A 331 12.05 13.71 -16.55
N GLU A 332 11.50 14.03 -17.74
CA GLU A 332 12.19 14.94 -18.64
C GLU A 332 12.38 16.32 -18.04
N LYS A 333 11.49 16.75 -17.13
CA LYS A 333 11.59 18.06 -16.50
C LYS A 333 12.57 18.07 -15.33
N GLY A 334 13.34 17.02 -15.13
CA GLY A 334 14.26 16.97 -14.00
C GLY A 334 13.57 16.96 -12.66
N ILE A 335 12.50 16.18 -12.52
CA ILE A 335 11.77 16.09 -11.26
C ILE A 335 11.83 14.65 -10.76
N LEU A 336 12.22 14.47 -9.51
CA LEU A 336 12.36 13.15 -8.91
C LEU A 336 10.98 12.65 -8.49
N GLN A 337 10.64 11.44 -8.91
CA GLN A 337 9.40 10.80 -8.50
C GLN A 337 9.72 9.66 -7.54
N ILE A 338 8.91 9.53 -6.48
CA ILE A 338 9.01 8.39 -5.59
C ILE A 338 7.90 7.42 -5.99
N PRO A 339 8.24 6.20 -6.41
CA PRO A 339 7.23 5.30 -6.96
C PRO A 339 6.14 4.98 -5.94
N ASP A 340 4.93 4.73 -6.44
CA ASP A 340 3.77 4.57 -5.58
C ASP A 340 3.93 3.40 -4.62
N PHE A 341 4.44 2.26 -5.11
CA PHE A 341 4.55 1.09 -4.26
C PHE A 341 5.84 1.08 -3.44
N LEU A 342 6.63 2.15 -3.51
CA LEU A 342 7.73 2.36 -2.58
C LEU A 342 7.40 3.44 -1.56
N CYS A 343 6.68 4.47 -1.99
CA CYS A 343 6.33 5.57 -1.09
C CYS A 343 5.38 5.12 0.01
N ASN A 344 4.32 4.40 -0.35
CA ASN A 344 3.35 3.92 0.61
C ASN A 344 3.62 2.50 1.08
N ALA A 345 4.89 2.10 1.10
CA ALA A 345 5.27 0.77 1.60
C ALA A 345 5.33 0.72 3.11
N GLY A 346 5.02 1.80 3.81
CA GLY A 346 4.99 1.79 5.25
C GLY A 346 3.94 0.90 5.85
N GLY A 347 2.76 0.81 5.21
CA GLY A 347 1.70 -0.03 5.75
C GLY A 347 2.07 -1.49 5.77
N VAL A 348 2.61 -2.00 4.66
CA VAL A 348 3.00 -3.40 4.60
C VAL A 348 4.20 -3.66 5.52
N THR A 349 5.10 -2.69 5.64
CA THR A 349 6.24 -2.86 6.55
C THR A 349 5.78 -2.94 8.00
N VAL A 350 4.83 -2.09 8.40
CA VAL A 350 4.29 -2.15 9.75
C VAL A 350 3.49 -3.43 9.97
N SER A 351 2.77 -3.92 8.95
CA SER A 351 2.13 -5.23 9.07
C SER A 351 3.16 -6.34 9.28
N TYR A 352 4.29 -6.26 8.59
CA TYR A 352 5.37 -7.21 8.80
C TYR A 352 5.90 -7.13 10.23
N PHE A 353 6.04 -5.90 10.74
CA PHE A 353 6.47 -5.72 12.12
C PHE A 353 5.47 -6.34 13.09
N GLU A 354 4.18 -6.18 12.81
CA GLU A 354 3.14 -6.80 13.65
C GLU A 354 3.25 -8.31 13.62
N TRP A 355 3.49 -8.88 12.44
CA TRP A 355 3.66 -10.32 12.33
C TRP A 355 4.88 -10.79 13.11
N VAL A 356 5.97 -10.04 13.05
CA VAL A 356 7.17 -10.38 13.81
C VAL A 356 6.88 -10.34 15.31
N GLN A 357 6.16 -9.32 15.76
CA GLN A 357 5.81 -9.22 17.17
C GLN A 357 4.94 -10.40 17.61
N ASN A 358 3.97 -10.78 16.78
CA ASN A 358 3.10 -11.89 17.11
C ASN A 358 3.87 -13.21 17.16
N ILE A 359 4.78 -13.42 16.20
CA ILE A 359 5.55 -14.65 16.12
C ILE A 359 6.48 -14.76 17.32
N ASN A 360 7.15 -13.66 17.67
CA ASN A 360 8.09 -13.63 18.77
C ASN A 360 7.43 -13.64 20.14
N GLY A 361 6.16 -13.24 20.23
CA GLY A 361 5.51 -13.14 21.52
C GLY A 361 5.92 -11.93 22.33
N TYR A 362 6.70 -11.03 21.74
CA TYR A 362 7.18 -9.82 22.40
C TYR A 362 6.77 -8.63 21.56
N TYR A 363 6.19 -7.62 22.19
CA TYR A 363 5.60 -6.48 21.49
C TYR A 363 6.40 -5.22 21.76
N TRP A 364 6.56 -4.40 20.73
CA TRP A 364 7.41 -3.23 20.79
C TRP A 364 6.59 -2.00 21.17
N THR A 365 7.28 -0.85 21.22
CA THR A 365 6.64 0.41 21.52
C THR A 365 6.52 1.26 20.26
N GLU A 366 6.02 2.48 20.43
CA GLU A 366 5.85 3.40 19.31
C GLU A 366 7.18 3.89 18.75
N GLU A 367 8.17 4.08 19.62
CA GLU A 367 9.48 4.55 19.18
C GLU A 367 10.25 3.47 18.44
N GLU A 368 10.22 2.23 18.94
CA GLU A 368 10.94 1.15 18.26
C GLU A 368 10.37 0.88 16.89
N VAL A 369 9.04 0.86 16.77
CA VAL A 369 8.40 0.68 15.47
C VAL A 369 8.79 1.79 14.53
N ARG A 370 8.78 3.03 15.04
CA ARG A 370 9.12 4.20 14.24
C ARG A 370 10.55 4.15 13.72
N GLU A 371 11.48 3.71 14.57
CA GLU A 371 12.89 3.63 14.18
C GLU A 371 13.13 2.51 13.18
N LYS A 372 12.53 1.34 13.41
CA LYS A 372 12.68 0.23 12.46
C LYS A 372 12.09 0.58 11.11
N LEU A 373 10.93 1.25 11.10
CA LEU A 373 10.32 1.70 9.85
C LEU A 373 11.23 2.70 9.15
N ASP A 374 11.86 3.57 9.93
CA ASP A 374 12.77 4.57 9.39
C ASP A 374 13.93 3.88 8.66
N LYS A 375 14.51 2.88 9.32
CA LYS A 375 15.62 2.13 8.72
C LYS A 375 15.19 1.43 7.44
N LYS A 376 14.04 0.75 7.47
CA LYS A 376 13.59 0.01 6.31
C LYS A 376 13.32 0.94 5.13
N MET A 377 12.60 2.03 5.36
CA MET A 377 12.28 2.94 4.26
C MET A 377 13.53 3.62 3.72
N THR A 378 14.46 4.01 4.61
CA THR A 378 15.70 4.63 4.13
C THR A 378 16.48 3.67 3.25
N LYS A 379 16.63 2.42 3.69
CA LYS A 379 17.36 1.45 2.89
C LYS A 379 16.68 1.18 1.55
N ALA A 380 15.36 1.02 1.55
CA ALA A 380 14.64 0.75 0.30
C ALA A 380 14.77 1.91 -0.67
N PHE A 381 14.56 3.14 -0.19
CA PHE A 381 14.67 4.29 -1.08
C PHE A 381 16.08 4.43 -1.63
N TRP A 382 17.09 4.22 -0.78
CA TRP A 382 18.46 4.37 -1.26
C TRP A 382 18.80 3.31 -2.30
N GLU A 383 18.32 2.08 -2.10
CA GLU A 383 18.55 1.05 -3.11
C GLU A 383 17.89 1.41 -4.43
N VAL A 384 16.64 1.89 -4.37
CA VAL A 384 15.92 2.25 -5.59
C VAL A 384 16.61 3.41 -6.28
N TYR A 385 17.06 4.40 -5.52
CA TYR A 385 17.70 5.57 -6.10
C TYR A 385 19.06 5.22 -6.70
N ASN A 386 19.80 4.33 -6.06
CA ASN A 386 21.07 3.87 -6.63
C ASN A 386 20.84 3.13 -7.94
N THR A 387 19.81 2.27 -8.00
CA THR A 387 19.49 1.63 -9.27
C THR A 387 19.08 2.66 -10.32
N HIS A 388 18.34 3.67 -9.90
CA HIS A 388 17.91 4.74 -10.78
C HIS A 388 19.09 5.49 -11.40
N LYS A 389 20.09 5.80 -10.57
CA LYS A 389 21.29 6.49 -11.02
C LYS A 389 22.24 5.62 -11.85
N ASP A 390 22.33 4.35 -11.53
CA ASP A 390 23.24 3.46 -12.25
C ASP A 390 22.69 3.06 -13.60
N LYS A 391 21.41 2.66 -13.67
CA LYS A 391 20.82 2.16 -14.91
C LYS A 391 20.27 3.26 -15.80
N ASN A 392 20.22 4.51 -15.32
CA ASN A 392 19.73 5.64 -16.09
C ASN A 392 18.31 5.39 -16.62
N ILE A 393 17.47 4.86 -15.73
CA ILE A 393 16.08 4.57 -16.04
C ILE A 393 15.20 5.35 -15.08
N HIS A 394 13.88 5.22 -15.26
CA HIS A 394 12.94 5.89 -14.38
C HIS A 394 12.98 5.26 -12.99
N MET A 395 12.56 6.04 -11.99
CA MET A 395 12.54 5.56 -10.61
C MET A 395 11.58 4.39 -10.46
N ARG A 396 10.42 4.47 -11.14
CA ARG A 396 9.48 3.35 -11.13
C ARG A 396 10.11 2.10 -11.73
N ASP A 397 10.79 2.27 -12.87
CA ASP A 397 11.49 1.14 -13.48
C ASP A 397 12.59 0.61 -12.58
N ALA A 398 13.31 1.50 -11.88
CA ALA A 398 14.33 1.05 -10.95
C ALA A 398 13.74 0.23 -9.81
N ALA A 399 12.61 0.68 -9.27
CA ALA A 399 11.96 -0.07 -8.18
C ALA A 399 11.49 -1.44 -8.67
N TYR A 400 10.89 -1.47 -9.87
CA TYR A 400 10.49 -2.75 -10.44
C TYR A 400 11.69 -3.66 -10.66
N VAL A 401 12.80 -3.11 -11.15
CA VAL A 401 14.00 -3.91 -11.35
C VAL A 401 14.50 -4.48 -10.04
N VAL A 402 14.51 -3.66 -8.98
CA VAL A 402 14.98 -4.12 -7.68
C VAL A 402 14.10 -5.25 -7.15
N ALA A 403 12.78 -5.08 -7.21
CA ALA A 403 11.87 -6.08 -6.69
C ALA A 403 11.97 -7.38 -7.47
N VAL A 404 11.95 -7.30 -8.80
CA VAL A 404 12.02 -8.50 -9.63
C VAL A 404 13.36 -9.18 -9.48
N SER A 405 14.44 -8.41 -9.31
CA SER A 405 15.75 -9.00 -9.09
C SER A 405 15.79 -9.76 -7.77
N ARG A 406 15.21 -9.20 -6.71
CA ARG A 406 15.19 -9.90 -5.44
C ARG A 406 14.39 -11.21 -5.54
N VAL A 407 13.22 -11.15 -6.17
CA VAL A 407 12.41 -12.36 -6.31
C VAL A 407 13.14 -13.39 -7.17
N TYR A 408 13.78 -12.94 -8.25
CA TYR A 408 14.50 -13.84 -9.15
C TYR A 408 15.67 -14.50 -8.44
N GLN A 409 16.41 -13.73 -7.63
CA GLN A 409 17.52 -14.30 -6.89
C GLN A 409 17.03 -15.33 -5.87
N ALA A 410 15.90 -15.04 -5.21
CA ALA A 410 15.34 -16.00 -4.27
C ALA A 410 14.92 -17.28 -4.98
N MET A 411 14.32 -17.14 -6.18
CA MET A 411 13.93 -18.31 -6.96
C MET A 411 15.15 -19.13 -7.37
N LYS A 412 16.21 -18.46 -7.81
CA LYS A 412 17.42 -19.16 -8.24
C LYS A 412 18.07 -19.89 -7.07
N ASP A 413 18.08 -19.27 -5.89
CA ASP A 413 18.67 -19.89 -4.72
C ASP A 413 17.95 -21.16 -4.30
N ARG A 414 16.63 -21.19 -4.41
CA ARG A 414 15.85 -22.38 -4.10
C ARG A 414 16.00 -23.48 -5.13
N GLY A 415 16.55 -23.18 -6.32
CA GLY A 415 16.63 -24.15 -7.37
C GLY A 415 15.39 -24.25 -8.23
N TRP A 416 14.43 -23.34 -8.08
CA TRP A 416 13.21 -23.39 -8.88
C TRP A 416 13.53 -23.18 -10.36
N VAL A 417 14.41 -22.25 -10.67
CA VAL A 417 14.84 -21.97 -12.04
C VAL A 417 16.34 -22.16 -12.12
N LYS A 418 16.79 -22.89 -13.14
CA LYS A 418 18.21 -23.22 -13.29
C LYS A 418 18.98 -22.19 -14.11
N LYS A 419 18.31 -21.20 -14.69
CA LYS A 419 18.98 -20.21 -15.51
C LYS A 419 18.85 -18.81 -14.91
PA NDP B . -9.37 7.68 2.56
O1A NDP B . -10.61 6.90 2.05
O2A NDP B . -9.26 7.53 4.10
O5B NDP B . -9.59 9.20 2.20
C5B NDP B . -9.68 9.57 0.85
C4B NDP B . -9.32 11.04 0.72
O4B NDP B . -9.05 11.36 -0.62
C3B NDP B . -10.42 11.90 1.21
O3B NDP B . -9.96 13.15 1.54
C2B NDP B . -11.23 11.99 0.01
O2B NDP B . -12.04 13.11 0.10
C1B NDP B . -10.16 12.15 -1.01
N9A NDP B . -10.60 11.80 -2.35
C8A NDP B . -11.29 10.61 -2.85
N7A NDP B . -11.46 10.83 -4.23
C5A NDP B . -10.89 12.13 -4.52
C6A NDP B . -10.81 12.80 -5.67
N6A NDP B . -11.34 12.23 -6.89
N1A NDP B . -10.26 13.92 -5.67
C2A NDP B . -9.74 14.55 -4.66
N3A NDP B . -9.77 13.97 -3.38
C4A NDP B . -10.40 12.67 -3.39
O3 NDP B . -8.08 7.13 1.84
PN NDP B . -6.85 6.55 2.64
O1N NDP B . -7.25 5.20 3.26
O2N NDP B . -6.44 7.55 3.73
O5D NDP B . -5.67 6.33 1.65
C5D NDP B . -5.47 7.28 0.63
C4D NDP B . -4.57 6.76 -0.48
O4D NDP B . -3.62 5.88 -0.12
C3D NDP B . -5.26 5.90 -1.48
O3D NDP B . -4.86 6.20 -2.76
C2D NDP B . -4.86 4.49 -1.12
O2D NDP B . -4.89 3.66 -2.20
C1D NDP B . -3.49 4.59 -0.51
N1N NDP B . -3.25 3.65 0.55
C2N NDP B . -3.41 4.06 1.93
C3N NDP B . -3.04 3.33 3.06
C7N NDP B . -3.67 3.81 4.34
O7N NDP B . -3.65 3.09 5.32
N7N NDP B . -4.33 5.09 4.42
C4N NDP B . -2.60 1.89 2.95
C5N NDP B . -2.07 1.83 1.56
C6N NDP B . -2.88 2.27 0.57
P2B NDP B . -13.33 13.12 0.99
O1X NDP B . -14.11 14.39 0.75
O2X NDP B . -12.94 13.06 2.43
O3X NDP B . -14.21 11.93 0.67
C1 AKG C . -7.79 2.48 -1.98
O1 AKG C . -7.95 1.94 -3.10
O2 AKG C . -8.33 3.56 -1.67
C2 AKG C . -6.94 1.81 -1.00
O5 AKG C . -6.79 2.29 0.12
C3 AKG C . -6.24 0.52 -1.37
C4 AKG C . -5.35 0.08 -0.21
C5 AKG C . -4.80 -1.29 -0.50
O3 AKG C . -5.36 -1.99 -1.38
O4 AKG C . -3.80 -1.69 0.15
N GGL D . -3.40 -4.89 1.66
CA GGL D . -2.81 -3.89 2.53
C GGL D . -1.61 -3.21 1.86
O GGL D . -1.18 -3.68 0.82
CB GGL D . -2.37 -4.53 3.85
CG GGL D . -0.87 -4.74 3.98
CD GGL D . -0.48 -6.20 3.90
OE1 GGL D . -0.67 -6.82 2.83
OE2 GGL D . 0.01 -6.74 4.92
OXT GGL D . -1.15 -2.20 2.40
#